data_2XR6
#
_entry.id   2XR6
#
_cell.length_a   71.330
_cell.length_b   71.330
_cell.length_c   52.666
_cell.angle_alpha   90.00
_cell.angle_beta   90.00
_cell.angle_gamma   90.00
#
_symmetry.space_group_name_H-M   'P 43 21 2'
#
loop_
_entity.id
_entity.type
_entity.pdbx_description
1 polymer 'CD209 ANTIGEN'
2 non-polymer alpha-D-mannopyranose
3 non-polymer 'dimethyl (1S,2S,4S,5S)-4,5-dihydroxycyclohexane-1,2-dicarboxylate'
4 non-polymer 2-AZIDOETHANOL
5 non-polymer 'CALCIUM ION'
6 non-polymer 'CHLORIDE ION'
7 water water
#
_entity_poly.entity_id   1
_entity_poly.type   'polypeptide(L)'
_entity_poly.pdbx_seq_one_letter_code
;MASWSHPQFEKIEGRERLSHPCPWEWTFFQGNCYFMSNSQRNWHDSITACKEVGAQLVVIKSAEEQNFLQLQSSRSNRFT
WMGLSDLNQEGTWQWVDGSPLLPSFKQYWNRGEPNNVGEEDCAEFSGNGWNDDKCNLAKFWICKKSAASSSRDEEQFLSP
APATPNPPPA
;
_entity_poly.pdbx_strand_id   A
#
loop_
_chem_comp.id
_chem_comp.type
_chem_comp.name
_chem_comp.formula
07B non-polymer 'dimethyl (1S,2S,4S,5S)-4,5-dihydroxycyclohexane-1,2-dicarboxylate' 'C10 H16 O6'
AE9 non-polymer 2-AZIDOETHANOL 'C2 H5 N3 O'
CA non-polymer 'CALCIUM ION' 'Ca 2'
CL non-polymer 'CHLORIDE ION' 'Cl -1'
MAN D-saccharide, alpha linking alpha-D-mannopyranose 'C6 H12 O6'
#
# COMPACT_ATOMS: atom_id res chain seq x y z
N PRO A 21 17.51 5.58 13.31
CA PRO A 21 17.53 5.84 11.88
C PRO A 21 17.00 4.65 11.05
N CYS A 22 16.47 4.96 9.89
CA CYS A 22 16.01 3.93 8.99
C CYS A 22 17.14 3.34 8.17
N PRO A 23 16.97 2.11 7.74
CA PRO A 23 18.00 1.44 6.93
C PRO A 23 18.27 2.19 5.63
N TRP A 24 19.43 1.93 5.02
CA TRP A 24 19.80 2.58 3.77
CA TRP A 24 19.87 2.62 3.71
C TRP A 24 18.75 2.35 2.69
N GLU A 25 18.23 3.44 2.13
CA GLU A 25 17.22 3.36 1.08
CA GLU A 25 17.29 3.40 1.02
C GLU A 25 15.82 3.31 1.67
N TRP A 26 15.62 3.55 2.92
CA TRP A 26 14.27 3.57 3.39
C TRP A 26 13.87 5.00 3.71
N THR A 27 12.61 5.18 3.99
CA THR A 27 11.99 6.47 4.22
C THR A 27 11.44 6.50 5.63
N PHE A 28 11.70 7.56 6.38
CA PHE A 28 11.19 7.68 7.77
C PHE A 28 9.93 8.50 7.78
N PHE A 29 8.93 8.15 8.59
CA PHE A 29 7.80 9.01 8.87
C PHE A 29 7.15 8.54 10.17
N GLN A 30 7.04 9.44 11.14
CA GLN A 30 6.33 9.16 12.42
C GLN A 30 6.72 7.87 13.07
N GLY A 31 8.03 7.63 13.16
CA GLY A 31 8.56 6.52 13.94
C GLY A 31 8.57 5.21 13.20
N ASN A 32 8.15 5.21 11.93
CA ASN A 32 8.20 3.99 11.10
C ASN A 32 9.11 4.21 9.94
N CYS A 33 9.65 3.11 9.44
CA CYS A 33 10.49 3.13 8.25
CA CYS A 33 10.41 3.22 8.21
C CYS A 33 9.71 2.46 7.12
N TYR A 34 9.80 3.04 5.93
CA TYR A 34 9.04 2.52 4.79
C TYR A 34 10.03 2.23 3.67
N PHE A 35 9.83 1.11 3.02
CA PHE A 35 10.63 0.74 1.85
C PHE A 35 9.79 0.93 0.64
N MET A 36 10.13 1.91 -0.20
CA MET A 36 9.51 2.12 -1.50
CA MET A 36 9.49 2.10 -1.49
CA MET A 36 9.50 2.10 -1.49
C MET A 36 10.30 1.31 -2.51
N SER A 37 9.73 0.23 -3.03
CA SER A 37 10.50 -0.68 -3.89
C SER A 37 11.00 -0.01 -5.16
N ASN A 38 12.03 -0.63 -5.73
CA ASN A 38 12.40 -0.11 -7.06
CA ASN A 38 12.70 -0.28 -6.99
C ASN A 38 12.21 -1.16 -8.14
N SER A 39 11.63 -2.31 -7.76
CA SER A 39 11.20 -3.35 -8.72
C SER A 39 9.70 -3.52 -8.49
N GLN A 40 9.05 -4.34 -9.31
CA GLN A 40 7.58 -4.55 -9.28
C GLN A 40 7.24 -6.00 -9.01
N ARG A 41 6.15 -6.19 -8.29
CA ARG A 41 5.67 -7.53 -7.86
C ARG A 41 4.17 -7.50 -7.85
N ASN A 42 3.54 -8.66 -8.06
CA ASN A 42 2.13 -8.75 -7.80
C ASN A 42 1.83 -8.61 -6.30
N TRP A 43 0.55 -8.56 -5.92
CA TRP A 43 0.21 -8.15 -4.57
C TRP A 43 0.71 -9.21 -3.58
N HIS A 44 0.44 -10.51 -3.82
CA HIS A 44 0.93 -11.54 -2.93
C HIS A 44 2.42 -11.59 -2.77
N ASP A 45 3.14 -11.40 -3.88
CA ASP A 45 4.60 -11.42 -3.79
C ASP A 45 5.14 -10.21 -3.04
N SER A 46 4.41 -9.09 -3.12
CA SER A 46 4.76 -7.89 -2.34
C SER A 46 4.62 -8.18 -0.85
N ILE A 47 3.54 -8.86 -0.44
CA ILE A 47 3.41 -9.29 0.95
C ILE A 47 4.63 -10.11 1.36
N THR A 48 5.03 -11.07 0.53
CA THR A 48 6.17 -11.91 0.87
C THR A 48 7.44 -11.12 0.95
N ALA A 49 7.67 -10.23 0.00
CA ALA A 49 8.90 -9.42 0.01
C ALA A 49 9.00 -8.64 1.33
N CYS A 50 7.90 -8.09 1.80
CA CYS A 50 7.94 -7.30 3.03
C CYS A 50 8.22 -8.19 4.20
N LYS A 51 7.61 -9.38 4.24
CA LYS A 51 7.87 -10.33 5.35
C LYS A 51 9.35 -10.72 5.38
N GLU A 52 10.03 -10.76 4.22
CA GLU A 52 11.45 -11.13 4.11
CA GLU A 52 11.43 -11.18 4.21
C GLU A 52 12.35 -10.14 4.84
N VAL A 53 11.89 -8.89 4.94
CA VAL A 53 12.70 -7.84 5.57
C VAL A 53 12.06 -7.47 6.92
N GLY A 54 11.26 -8.35 7.51
CA GLY A 54 10.66 -8.13 8.84
C GLY A 54 9.66 -6.98 8.86
N ALA A 55 9.00 -6.74 7.72
CA ALA A 55 8.08 -5.62 7.56
C ALA A 55 6.73 -6.15 7.11
N GLN A 56 5.84 -5.25 6.75
CA GLN A 56 4.50 -5.61 6.28
C GLN A 56 4.15 -4.73 5.09
N LEU A 57 3.49 -5.28 4.08
CA LEU A 57 2.95 -4.46 3.01
C LEU A 57 1.99 -3.43 3.63
N VAL A 58 2.20 -2.17 3.31
CA VAL A 58 1.81 -1.12 4.30
C VAL A 58 0.33 -1.14 4.65
N VAL A 59 0.06 -1.08 5.96
CA VAL A 59 -1.27 -0.89 6.49
C VAL A 59 -1.36 0.55 7.02
N ILE A 60 -2.27 1.34 6.49
CA ILE A 60 -2.34 2.74 6.88
CA ILE A 60 -2.44 2.76 6.85
C ILE A 60 -3.22 2.85 8.14
N LYS A 61 -2.75 3.63 9.10
CA LYS A 61 -3.41 3.76 10.41
C LYS A 61 -3.93 5.16 10.65
N SER A 62 -3.52 6.13 9.85
CA SER A 62 -3.97 7.52 10.13
C SER A 62 -4.08 8.31 8.85
N ALA A 63 -4.79 9.43 8.95
CA ALA A 63 -4.94 10.37 7.87
C ALA A 63 -3.60 10.95 7.45
N GLU A 64 -2.74 11.28 8.41
CA GLU A 64 -1.47 11.88 8.02
C GLU A 64 -0.54 10.90 7.34
N GLU A 65 -0.62 9.63 7.73
CA GLU A 65 0.19 8.62 7.09
C GLU A 65 -0.31 8.37 5.65
N GLN A 66 -1.64 8.37 5.47
CA GLN A 66 -2.21 8.32 4.12
C GLN A 66 -1.72 9.49 3.28
N ASN A 67 -1.79 10.70 3.83
CA ASN A 67 -1.46 11.86 3.00
C ASN A 67 -0.01 11.76 2.61
N PHE A 68 0.85 11.35 3.55
CA PHE A 68 2.27 11.21 3.29
C PHE A 68 2.56 10.18 2.21
N LEU A 69 2.01 8.97 2.38
CA LEU A 69 2.31 7.91 1.42
C LEU A 69 1.72 8.18 0.03
N GLN A 70 0.52 8.73 0.00
CA GLN A 70 -0.13 9.08 -1.27
C GLN A 70 0.75 10.04 -2.04
N LEU A 71 1.26 11.06 -1.37
CA LEU A 71 2.11 12.03 -2.05
C LEU A 71 3.38 11.40 -2.59
N GLN A 72 4.02 10.49 -1.86
CA GLN A 72 5.23 9.82 -2.35
C GLN A 72 4.93 9.12 -3.65
N SER A 73 3.82 8.40 -3.68
CA SER A 73 3.47 7.64 -4.88
CA SER A 73 3.46 7.64 -4.88
CA SER A 73 3.48 7.64 -4.87
C SER A 73 3.07 8.57 -6.02
N SER A 74 2.29 9.61 -5.76
CA SER A 74 1.89 10.51 -6.83
CA SER A 74 1.86 10.61 -6.76
C SER A 74 3.07 11.26 -7.46
N ARG A 75 3.98 11.77 -6.66
CA ARG A 75 5.08 12.53 -7.23
C ARG A 75 6.16 11.67 -7.84
N SER A 76 6.21 10.38 -7.50
CA SER A 76 7.12 9.43 -8.15
CA SER A 76 7.11 9.43 -8.15
C SER A 76 6.54 8.83 -9.43
N ASN A 77 5.28 9.19 -9.74
CA ASN A 77 4.55 8.62 -10.87
CA ASN A 77 4.50 8.62 -10.83
C ASN A 77 4.55 7.10 -10.87
N ARG A 78 4.34 6.48 -9.71
N ARG A 78 4.30 6.53 -9.71
CA ARG A 78 4.42 5.00 -9.62
CA ARG A 78 4.27 5.09 -9.56
C ARG A 78 3.17 4.41 -8.97
C ARG A 78 2.89 4.65 -9.16
N PHE A 79 2.51 3.52 -9.73
CA PHE A 79 1.41 2.76 -9.20
C PHE A 79 1.94 1.75 -8.19
N THR A 80 1.39 1.81 -6.96
CA THR A 80 2.06 1.17 -5.82
C THR A 80 1.04 0.41 -4.99
N TRP A 81 1.33 -0.84 -4.67
CA TRP A 81 0.45 -1.62 -3.78
C TRP A 81 0.53 -1.16 -2.35
N MET A 82 -0.62 -1.25 -1.68
CA MET A 82 -0.69 -1.20 -0.20
C MET A 82 -1.32 -2.52 0.30
N GLY A 83 -1.34 -2.74 1.60
CA GLY A 83 -1.79 -4.02 2.17
C GLY A 83 -3.29 -4.04 2.41
N LEU A 84 -4.09 -3.90 1.35
CA LEU A 84 -5.53 -3.80 1.47
C LEU A 84 -6.18 -4.57 0.33
N SER A 85 -7.19 -5.39 0.65
CA SER A 85 -7.84 -6.23 -0.40
CA SER A 85 -7.83 -6.20 -0.41
C SER A 85 -9.30 -6.50 -0.07
N ASP A 86 -10.09 -6.85 -1.10
CA ASP A 86 -11.43 -7.41 -0.90
C ASP A 86 -11.47 -8.78 -1.52
N LEU A 87 -10.35 -9.50 -1.56
CA LEU A 87 -10.26 -10.88 -2.06
C LEU A 87 -11.22 -11.80 -1.33
N ASN A 88 -11.38 -11.65 -0.03
CA ASN A 88 -12.19 -12.60 0.75
CA ASN A 88 -12.19 -12.61 0.73
C ASN A 88 -13.68 -12.38 0.51
N GLN A 89 -14.14 -11.14 0.65
CA GLN A 89 -15.53 -10.86 0.44
C GLN A 89 -15.61 -9.61 -0.41
N GLU A 90 -16.07 -9.74 -1.64
CA GLU A 90 -16.19 -8.63 -2.56
C GLU A 90 -16.89 -7.46 -1.93
N GLY A 91 -16.26 -6.29 -2.01
CA GLY A 91 -16.81 -5.09 -1.41
C GLY A 91 -16.45 -4.85 0.05
N THR A 92 -15.91 -5.84 0.71
CA THR A 92 -15.52 -5.67 2.10
C THR A 92 -13.99 -5.61 2.11
N TRP A 93 -13.44 -4.42 2.31
CA TRP A 93 -12.00 -4.23 2.24
C TRP A 93 -11.37 -4.46 3.59
N GLN A 94 -10.30 -5.22 3.62
CA GLN A 94 -9.60 -5.66 4.86
CA GLN A 94 -9.63 -5.47 4.89
C GLN A 94 -8.11 -5.39 4.69
N TRP A 95 -7.46 -4.82 5.69
CA TRP A 95 -6.00 -4.68 5.68
C TRP A 95 -5.34 -6.00 5.99
N VAL A 96 -4.07 -6.17 5.57
CA VAL A 96 -3.38 -7.46 5.75
C VAL A 96 -3.08 -7.76 7.20
N ASP A 97 -3.27 -6.83 8.14
CA ASP A 97 -3.18 -7.15 9.58
C ASP A 97 -4.54 -7.55 10.14
N GLY A 98 -5.54 -7.69 9.29
CA GLY A 98 -6.88 -8.13 9.74
C GLY A 98 -7.85 -7.00 10.04
N SER A 99 -7.36 -5.76 10.09
CA SER A 99 -8.24 -4.65 10.49
CA SER A 99 -8.21 -4.60 10.45
C SER A 99 -9.17 -4.29 9.34
N PRO A 100 -10.39 -3.91 9.65
CA PRO A 100 -11.33 -3.52 8.60
C PRO A 100 -10.98 -2.15 8.04
N LEU A 101 -11.39 -1.90 6.81
CA LEU A 101 -11.32 -0.55 6.28
C LEU A 101 -12.39 0.33 6.92
N LEU A 102 -11.96 1.34 7.64
CA LEU A 102 -12.93 2.22 8.32
C LEU A 102 -13.70 3.05 7.30
N PRO A 103 -14.97 3.35 7.56
CA PRO A 103 -15.72 4.13 6.59
C PRO A 103 -15.09 5.47 6.29
N SER A 104 -14.52 6.13 7.28
CA SER A 104 -13.88 7.41 7.02
C SER A 104 -12.70 7.31 6.01
N PHE A 105 -11.96 6.20 6.05
CA PHE A 105 -10.85 6.01 5.12
CA PHE A 105 -10.85 6.02 5.11
C PHE A 105 -11.31 5.81 3.67
N LYS A 106 -12.62 5.52 3.48
CA LYS A 106 -13.13 5.33 2.12
C LYS A 106 -13.12 6.62 1.35
N GLN A 107 -12.93 7.77 2.04
CA GLN A 107 -12.69 9.03 1.35
CA GLN A 107 -12.68 9.02 1.37
C GLN A 107 -11.43 9.00 0.48
N TYR A 108 -10.50 8.07 0.75
CA TYR A 108 -9.25 8.12 -0.01
C TYR A 108 -9.33 7.40 -1.35
N TRP A 109 -10.36 6.59 -1.58
CA TRP A 109 -10.57 6.09 -2.97
C TRP A 109 -10.63 7.21 -3.96
N ASN A 110 -10.03 7.07 -5.12
CA ASN A 110 -10.27 8.03 -6.20
C ASN A 110 -11.77 8.04 -6.50
N ARG A 111 -12.24 9.15 -7.06
CA ARG A 111 -13.60 9.23 -7.58
C ARG A 111 -13.89 8.09 -8.54
N GLY A 112 -14.99 7.38 -8.27
CA GLY A 112 -15.44 6.24 -9.07
C GLY A 112 -14.78 4.92 -8.70
N GLU A 113 -13.98 4.89 -7.63
CA GLU A 113 -13.39 3.66 -7.11
C GLU A 113 -14.01 3.37 -5.76
N PRO A 114 -13.94 2.13 -5.30
CA PRO A 114 -13.47 0.95 -6.09
C PRO A 114 -14.58 0.54 -7.06
N ASN A 115 -14.21 0.18 -8.26
CA ASN A 115 -15.20 -0.14 -9.30
C ASN A 115 -15.18 -1.61 -9.78
N ASN A 116 -14.22 -2.40 -9.29
CA ASN A 116 -14.19 -3.83 -9.54
C ASN A 116 -14.19 -4.17 -11.03
N VAL A 117 -13.57 -3.37 -11.87
CA VAL A 117 -13.72 -3.59 -13.31
CA VAL A 117 -13.74 -3.59 -13.31
C VAL A 117 -12.96 -4.80 -13.77
N GLY A 118 -13.71 -5.81 -14.21
CA GLY A 118 -13.07 -7.06 -14.57
C GLY A 118 -12.65 -7.92 -13.38
N GLU A 119 -13.26 -7.72 -12.21
N GLU A 119 -12.93 -7.50 -12.16
CA GLU A 119 -12.74 -8.09 -10.89
CA GLU A 119 -12.51 -8.25 -10.98
C GLU A 119 -11.39 -7.44 -10.62
C GLU A 119 -11.22 -7.75 -10.30
N GLU A 120 -11.39 -6.67 -9.53
CA GLU A 120 -10.19 -5.97 -9.01
C GLU A 120 -10.27 -6.08 -7.50
N ASP A 121 -9.34 -6.81 -6.91
CA ASP A 121 -9.47 -7.11 -5.49
C ASP A 121 -8.34 -6.60 -4.57
N CYS A 122 -7.44 -5.79 -5.14
CA CYS A 122 -6.29 -5.29 -4.35
C CYS A 122 -6.22 -3.79 -4.55
N ALA A 123 -5.72 -3.08 -3.55
CA ALA A 123 -5.71 -1.60 -3.57
C ALA A 123 -4.32 -1.08 -3.81
N GLU A 124 -4.24 -0.06 -4.65
CA GLU A 124 -3.00 0.66 -4.95
C GLU A 124 -3.18 2.14 -4.73
N PHE A 125 -2.04 2.82 -4.56
CA PHE A 125 -1.98 4.27 -4.69
C PHE A 125 -1.90 4.57 -6.15
N SER A 126 -2.82 5.42 -6.62
CA SER A 126 -2.87 5.77 -8.06
C SER A 126 -3.23 7.26 -8.14
N GLY A 127 -2.25 8.12 -8.45
CA GLY A 127 -2.50 9.56 -8.51
C GLY A 127 -2.68 10.13 -7.13
N ASN A 128 -3.82 10.77 -6.89
CA ASN A 128 -4.08 11.40 -5.62
C ASN A 128 -4.95 10.61 -4.66
N GLY A 129 -5.28 9.37 -5.03
CA GLY A 129 -6.05 8.52 -4.14
C GLY A 129 -5.81 7.07 -4.48
N TRP A 130 -6.74 6.24 -4.02
CA TRP A 130 -6.61 4.78 -4.16
C TRP A 130 -7.42 4.24 -5.32
N ASN A 131 -6.92 3.17 -5.94
CA ASN A 131 -7.65 2.44 -6.97
C ASN A 131 -7.66 0.99 -6.58
N ASP A 132 -8.74 0.29 -6.88
CA ASP A 132 -8.73 -1.17 -6.91
C ASP A 132 -8.26 -1.70 -8.25
N ASP A 133 -7.32 -2.64 -8.23
CA ASP A 133 -6.82 -3.18 -9.49
C ASP A 133 -6.61 -4.68 -9.31
N LYS A 134 -6.20 -5.31 -10.42
CA LYS A 134 -5.99 -6.78 -10.44
C LYS A 134 -4.82 -7.23 -9.59
N CYS A 135 -5.09 -8.12 -8.66
CA CYS A 135 -4.06 -8.49 -7.73
CA CYS A 135 -4.13 -8.64 -7.71
C CYS A 135 -2.86 -9.21 -8.36
N ASN A 136 -3.00 -9.76 -9.57
CA ASN A 136 -1.87 -10.43 -10.21
C ASN A 136 -1.09 -9.45 -11.09
N LEU A 137 -1.42 -8.15 -11.10
CA LEU A 137 -0.59 -7.14 -11.77
CA LEU A 137 -0.62 -7.15 -11.79
C LEU A 137 0.62 -6.79 -10.96
N ALA A 138 1.77 -6.68 -11.59
CA ALA A 138 2.98 -6.25 -10.89
C ALA A 138 3.01 -4.74 -10.78
N LYS A 139 3.24 -4.28 -9.56
CA LYS A 139 3.34 -2.85 -9.27
C LYS A 139 4.51 -2.66 -8.33
N PHE A 140 4.92 -1.41 -8.13
CA PHE A 140 5.79 -1.11 -7.00
C PHE A 140 5.04 -1.40 -5.72
N TRP A 141 5.75 -1.48 -4.60
CA TRP A 141 5.08 -1.70 -3.31
C TRP A 141 5.81 -0.94 -2.24
N ILE A 142 5.13 -0.80 -1.12
CA ILE A 142 5.70 -0.14 0.07
C ILE A 142 5.59 -1.05 1.28
N CYS A 143 6.72 -1.30 1.92
CA CYS A 143 6.65 -2.01 3.19
CA CYS A 143 6.83 -2.03 3.20
C CYS A 143 6.77 -1.04 4.34
N LYS A 144 6.27 -1.44 5.50
CA LYS A 144 6.30 -0.61 6.71
C LYS A 144 6.86 -1.46 7.86
N LYS A 145 7.75 -0.88 8.66
CA LYS A 145 8.09 -1.51 9.96
CA LYS A 145 8.36 -1.53 9.82
C LYS A 145 8.57 -0.42 10.88
N SER A 146 8.51 -0.70 12.16
CA SER A 146 8.89 0.27 13.18
CA SER A 146 8.87 0.33 13.13
C SER A 146 10.36 0.68 13.02
N ALA A 147 10.68 1.94 13.24
CA ALA A 147 12.08 2.36 13.30
C ALA A 147 12.82 1.72 14.45
N ALA A 148 12.13 1.48 15.53
CA ALA A 148 12.77 0.86 16.69
C ALA A 148 13.10 -0.61 16.44
N SER A 149 12.36 -1.29 15.55
CA SER A 149 12.68 -2.66 15.12
C SER A 149 13.77 -2.69 14.05
N SER A 150 13.92 -1.60 13.31
CA SER A 150 14.97 -1.52 12.29
C SER A 150 16.35 -1.41 12.95
C1 MAN B . -8.21 1.32 -15.48
C2 MAN B . -7.93 0.42 -14.28
C3 MAN B . -9.11 0.52 -13.32
C4 MAN B . -9.48 1.92 -12.99
C5 MAN B . -9.74 2.79 -14.27
C6 MAN B . -9.85 4.23 -13.91
O1 MAN B . -9.23 0.63 -16.15
O2 MAN B . -6.74 0.88 -13.64
O3 MAN B . -8.82 -0.17 -12.10
O4 MAN B . -10.65 1.90 -12.16
O5 MAN B . -8.56 2.66 -15.08
O6 MAN B . -10.15 4.98 -15.13
CBK 07B C . -9.47 1.12 -17.50
CAR 07B C . -8.42 0.41 -18.41
CBO 07B C . -8.71 -1.09 -18.41
CBA 07B C . -7.76 -1.78 -19.38
OAE 07B C . -7.69 -3.01 -19.43
OAT 07B C . -6.96 -1.02 -20.19
CAB 07B C . -7.67 -0.80 -21.43
CBN 07B C . -10.18 -1.39 -18.77
CAZ 07B C . -10.42 -2.91 -18.88
OAD 07B C . -9.87 -3.55 -19.78
OAS 07B C . -11.21 -3.56 -17.98
CAA 07B C . -12.37 -4.18 -18.63
CAQ 07B C . -11.12 -0.75 -17.75
CBJ 07B C . -10.91 0.76 -17.82
C1 MAN D . -14.25 4.02 -18.95
C2 MAN D . -15.66 3.65 -19.44
C3 MAN D . -16.01 2.18 -19.19
C4 MAN D . -14.88 1.20 -19.56
C5 MAN D . -13.51 1.73 -19.09
C6 MAN D . -12.41 0.86 -19.69
O2 MAN D . -15.74 3.93 -20.84
O3 MAN D . -17.19 1.85 -19.95
O4 MAN D . -15.12 -0.08 -18.93
O5 MAN D . -13.26 3.10 -19.46
O6 MAN D . -11.14 1.29 -19.15
NAS AE9 E . -13.73 3.25 -15.54
CAM AE9 E . -12.91 4.45 -15.67
CAO AE9 E . -13.37 5.05 -16.99
O1 AE9 E . -14.29 4.05 -17.52
NAC AE9 E . -15.09 1.47 -15.27
NAT AE9 E . -14.41 2.36 -15.40
CA CA F . -13.71 -10.13 -6.22
CA CA G . -13.17 -6.29 -5.73
CA CA H . -10.51 0.18 -10.30
CL CL I . -8.02 -9.22 -8.64
CL CL J . 15.89 8.25 9.27
CL CL K . 1.82 -9.34 6.38
#